data_5DDA
#
_entry.id   5DDA
#
_cell.length_a   48.133
_cell.length_b   79.998
_cell.length_c   124.668
_cell.angle_alpha   90.00
_cell.angle_beta   90.00
_cell.angle_gamma   90.00
#
_symmetry.space_group_name_H-M   'P 21 21 21'
#
loop_
_entity.id
_entity.type
_entity.pdbx_description
1 polymer Menin
2 non-polymer 4-{4-[5-(fluoromethyl)-1,3,4-thiadiazol-2-yl]piperazin-1-yl}-6-(2,2,2-trifluoroethyl)thieno[2,3-d]pyrimidine
3 non-polymer 'DIMETHYL SULFOXIDE'
4 non-polymer 'TRIETHYLENE GLYCOL'
5 non-polymer 1,2-ETHANEDIOL
6 non-polymer 'SULFATE ION'
7 water water
#
_entity_poly.entity_id   1
_entity_poly.type   'polypeptide(L)'
_entity_poly.pdbx_seq_one_letter_code
;GGSSSMGLKAAQKTLFPLRSIDDVVRLFAAELGREEPDLVLLSLVLGFVEHFLAVNRVGLTYFPVADLSIIAALYARFTA
QIRGAVDLSLYPREGGVSSRELVKKVSDVIWNSLSRSYFKDRAHIQSLFSFITGTKLDSSGVAFAVVGACQALGLRDVHL
ALSEDHAWVVFGPNGEQTAEVTWHGKGNEDRRGQTVNAGVAERSWLYLKGSYMRCDRKMEVAFMVCAINPSIDLHTDSLE
LLQLQQKLLWLLYDLGHLERYPMALGNLADLEELEPTPGRPDPLTLYHKGIASAKTYYRDEHIYPYMYLAGYHCRNRNVR
EALQAWADTATVIQDYNYCREDEEIYKEFFEVANDVIPNLLKEAASLLEAGSQGSALQDPECFAHLLRFYDGICKWEEGS
PTPVLHVGWATFLVQSLGRFEGQVRQKVRIVSVPAPAASPPPEGPVLTFQSEKMKGMKELLVATKINSSAIKLQLTAQSQ
VQMKKQKVS
;
_entity_poly.pdbx_strand_id   A
#
# COMPACT_ATOMS: atom_id res chain seq x y z
N GLY A 7 17.72 15.79 24.22
CA GLY A 7 16.39 15.40 24.62
C GLY A 7 15.32 16.22 23.94
N LEU A 8 14.12 16.16 24.49
CA LEU A 8 12.98 17.01 24.00
C LEU A 8 13.14 18.47 24.37
N LYS A 9 12.59 19.35 23.55
CA LYS A 9 12.60 20.76 23.76
C LYS A 9 11.51 21.11 24.76
N ALA A 10 11.67 22.18 25.51
CA ALA A 10 10.65 22.52 26.49
C ALA A 10 9.31 22.70 25.80
N ALA A 11 9.32 23.28 24.61
CA ALA A 11 8.07 23.54 23.86
C ALA A 11 7.35 22.27 23.41
N GLN A 12 8.12 21.21 23.19
CA GLN A 12 7.50 19.91 22.93
C GLN A 12 6.81 19.28 24.12
N LYS A 13 7.11 19.70 25.35
CA LYS A 13 6.65 18.96 26.55
C LYS A 13 5.42 19.59 27.14
N THR A 14 5.09 20.82 26.73
CA THR A 14 3.99 21.58 27.33
C THR A 14 2.62 20.96 27.17
N LEU A 15 2.36 20.15 26.13
CA LEU A 15 1.02 19.51 25.99
C LEU A 15 0.81 18.28 26.84
N PHE A 16 1.89 17.75 27.38
CA PHE A 16 1.72 16.60 28.26
C PHE A 16 1.11 16.97 29.60
N PRO A 17 0.44 16.04 30.26
CA PRO A 17 0.19 14.64 29.82
C PRO A 17 -0.89 14.58 28.75
N LEU A 18 -0.82 13.57 27.89
CA LEU A 18 -1.83 13.36 26.86
C LEU A 18 -2.92 12.47 27.43
N ARG A 19 -4.15 13.01 27.52
CA ARG A 19 -5.22 12.32 28.23
C ARG A 19 -6.35 11.86 27.36
N SER A 20 -6.23 12.14 26.06
CA SER A 20 -7.32 11.87 25.13
C SER A 20 -6.78 11.84 23.71
N ILE A 21 -7.60 11.31 22.81
CA ILE A 21 -7.37 11.32 21.38
C ILE A 21 -7.11 12.71 20.94
N ASP A 22 -7.98 13.65 21.34
CA ASP A 22 -7.75 15.03 20.92
C ASP A 22 -6.45 15.59 21.41
N ASP A 23 -6.02 15.20 22.60
CA ASP A 23 -4.70 15.67 23.06
C ASP A 23 -3.53 15.15 22.17
N VAL A 24 -3.64 13.91 21.72
CA VAL A 24 -2.65 13.37 20.77
C VAL A 24 -2.69 14.12 19.46
N VAL A 25 -3.89 14.42 18.97
CA VAL A 25 -4.04 15.25 17.78
C VAL A 25 -3.40 16.63 17.93
N ARG A 26 -3.62 17.27 19.09
CA ARG A 26 -2.96 18.54 19.35
C ARG A 26 -1.45 18.45 19.30
N LEU A 27 -0.92 17.35 19.80
CA LEU A 27 0.53 17.17 19.81
C LEU A 27 0.99 17.07 18.35
N PHE A 28 0.29 16.29 17.55
CA PHE A 28 0.63 16.19 16.14
C PHE A 28 0.56 17.54 15.39
N ALA A 29 -0.46 18.34 15.72
CA ALA A 29 -0.64 19.65 15.10
C ALA A 29 0.54 20.52 15.45
N ALA A 30 1.00 20.41 16.70
CA ALA A 30 2.08 21.25 17.14
C ALA A 30 3.39 20.85 16.46
N GLU A 31 3.68 19.56 16.46
CA GLU A 31 4.86 19.09 15.77
C GLU A 31 4.85 19.41 14.30
N LEU A 32 3.68 19.33 13.69
CA LEU A 32 3.58 19.57 12.28
C LEU A 32 3.77 21.04 11.93
N GLY A 33 3.54 21.91 12.91
CA GLY A 33 3.80 23.33 12.77
C GLY A 33 5.26 23.68 12.98
N ARG A 34 6.06 22.68 13.30
CA ARG A 34 7.46 22.93 13.50
C ARG A 34 8.27 22.74 12.25
N GLU A 35 9.46 23.34 12.26
CA GLU A 35 10.36 23.25 11.13
C GLU A 35 10.47 21.78 10.74
N GLU A 36 10.72 20.94 11.74
CA GLU A 36 10.84 19.50 11.54
C GLU A 36 10.09 18.72 12.60
N PRO A 37 8.95 18.18 12.28
CA PRO A 37 8.30 17.39 13.28
C PRO A 37 9.18 16.27 13.79
N ASP A 38 8.99 15.94 15.07
CA ASP A 38 9.87 15.02 15.74
C ASP A 38 9.36 13.62 15.56
N LEU A 39 9.95 12.87 14.61
CA LEU A 39 9.43 11.53 14.29
C LEU A 39 9.53 10.52 15.43
N VAL A 40 10.59 10.65 16.22
CA VAL A 40 10.81 9.77 17.34
C VAL A 40 9.74 9.97 18.42
N LEU A 41 9.50 11.25 18.76
CA LEU A 41 8.49 11.59 19.75
C LEU A 41 7.14 11.02 19.28
N LEU A 42 6.78 11.34 18.03
CA LEU A 42 5.45 11.02 17.51
C LEU A 42 5.20 9.52 17.43
N SER A 43 6.21 8.79 17.00
CA SER A 43 6.08 7.33 16.91
C SER A 43 6.01 6.67 18.25
N LEU A 44 6.79 7.17 19.21
CA LEU A 44 6.75 6.67 20.59
C LEU A 44 5.36 6.86 21.16
N VAL A 45 4.78 8.04 20.97
CA VAL A 45 3.41 8.34 21.45
C VAL A 45 2.41 7.43 20.81
N LEU A 46 2.43 7.33 19.48
CA LEU A 46 1.53 6.40 18.79
C LEU A 46 1.69 4.98 19.24
N GLY A 47 2.93 4.47 19.39
CA GLY A 47 3.10 3.07 19.78
C GLY A 47 2.65 2.82 21.22
N PHE A 48 2.87 3.81 22.08
CA PHE A 48 2.36 3.77 23.46
C PHE A 48 0.87 3.63 23.49
N VAL A 49 0.20 4.59 22.83
CA VAL A 49 -1.24 4.58 22.88
C VAL A 49 -1.81 3.33 22.23
N GLU A 50 -1.20 2.90 21.12
CA GLU A 50 -1.58 1.66 20.47
C GLU A 50 -1.37 0.48 21.36
N HIS A 51 -0.29 0.47 22.10
CA HIS A 51 -0.03 -0.75 22.92
C HIS A 51 -1.13 -0.88 23.99
N PHE A 52 -1.50 0.23 24.59
CA PHE A 52 -2.53 0.22 25.64
C PHE A 52 -3.99 0.33 25.16
N LEU A 53 -4.22 0.42 23.85
CA LEU A 53 -5.56 0.34 23.30
C LEU A 53 -5.78 -0.88 22.50
N ALA A 54 -4.74 -1.52 21.97
CA ALA A 54 -4.96 -2.76 21.20
C ALA A 54 -4.24 -3.97 21.70
N VAL A 55 -3.08 -3.78 22.35
CA VAL A 55 -2.26 -4.92 22.68
C VAL A 55 -2.60 -5.38 24.07
N ASN A 56 -2.68 -4.42 25.00
CA ASN A 56 -3.05 -4.71 26.39
C ASN A 56 -4.05 -3.70 26.96
N ARG A 57 -5.34 -4.03 26.95
CA ARG A 57 -6.37 -3.09 27.40
C ARG A 57 -6.69 -3.17 28.90
N VAL A 58 -5.91 -3.96 29.62
CA VAL A 58 -6.17 -4.14 31.03
C VAL A 58 -6.10 -2.82 31.79
N GLY A 59 -7.16 -2.47 32.48
CA GLY A 59 -7.16 -1.26 33.23
C GLY A 59 -7.67 -0.04 32.49
N LEU A 60 -7.86 -0.17 31.20
CA LEU A 60 -8.33 0.94 30.40
C LEU A 60 -9.67 1.51 30.93
N THR A 61 -9.76 2.82 31.09
CA THR A 61 -11.05 3.41 31.45
C THR A 61 -11.57 4.40 30.42
N TYR A 62 -10.66 5.03 29.72
CA TYR A 62 -11.06 5.93 28.65
C TYR A 62 -9.91 6.00 27.66
N PHE A 63 -8.74 6.39 28.14
CA PHE A 63 -7.63 6.61 27.24
C PHE A 63 -6.34 6.41 28.03
N PRO A 64 -5.34 5.72 27.42
CA PRO A 64 -4.11 5.52 28.19
C PRO A 64 -3.36 6.82 28.33
N VAL A 65 -3.25 7.34 29.55
CA VAL A 65 -2.64 8.65 29.72
C VAL A 65 -1.13 8.55 29.44
N ALA A 66 -0.62 9.41 28.55
CA ALA A 66 0.79 9.44 28.25
C ALA A 66 1.44 10.57 29.03
N ASP A 67 2.02 10.18 30.16
CA ASP A 67 2.77 11.07 31.00
C ASP A 67 4.09 11.38 30.38
N LEU A 68 4.47 12.64 30.52
CA LEU A 68 5.77 13.09 30.06
C LEU A 68 6.88 12.22 30.58
N SER A 69 6.83 11.84 31.85
CA SER A 69 7.97 11.08 32.43
C SER A 69 8.12 9.73 31.67
N ILE A 70 7.00 9.13 31.31
CA ILE A 70 7.04 7.86 30.56
C ILE A 70 7.62 8.04 29.13
N ILE A 71 7.11 9.02 28.41
CA ILE A 71 7.47 9.29 27.02
C ILE A 71 8.89 9.80 26.93
N ALA A 72 9.31 10.68 27.86
CA ALA A 72 10.65 11.18 27.84
C ALA A 72 11.64 10.09 28.15
N ALA A 73 11.26 9.14 28.98
CA ALA A 73 12.21 8.05 29.31
C ALA A 73 12.43 7.16 28.09
N LEU A 74 11.35 6.97 27.36
CA LEU A 74 11.40 6.13 26.11
C LEU A 74 12.25 6.83 25.07
N TYR A 75 12.07 8.17 24.99
CA TYR A 75 12.77 8.97 24.00
C TYR A 75 14.25 8.90 24.31
N ALA A 76 14.55 9.03 25.59
CA ALA A 76 15.90 8.93 26.06
C ALA A 76 16.53 7.58 25.79
N ARG A 77 15.79 6.48 25.93
CA ARG A 77 16.35 5.18 25.58
CA ARG A 77 16.37 5.19 25.57
C ARG A 77 16.71 5.14 24.10
N PHE A 78 15.79 5.60 23.25
CA PHE A 78 16.08 5.63 21.81
C PHE A 78 17.33 6.49 21.50
N THR A 79 17.31 7.72 21.91
CA THR A 79 18.33 8.65 21.45
C THR A 79 19.70 8.20 21.98
N ALA A 80 19.74 7.58 23.17
CA ALA A 80 21.01 7.16 23.75
C ALA A 80 21.51 5.95 23.04
N GLN A 81 20.61 5.04 22.65
CA GLN A 81 20.99 3.85 21.92
C GLN A 81 21.66 4.20 20.58
N ILE A 82 21.08 5.17 19.89
CA ILE A 82 21.57 5.55 18.54
C ILE A 82 22.85 6.39 18.66
N ARG A 83 22.84 7.38 19.55
CA ARG A 83 23.99 8.26 19.73
C ARG A 83 25.17 7.53 20.23
N GLY A 84 24.95 6.58 21.10
CA GLY A 84 26.03 5.72 21.56
C GLY A 84 26.64 4.80 20.54
N ALA A 85 25.84 4.31 19.59
CA ALA A 85 26.30 3.30 18.65
C ALA A 85 26.83 3.90 17.34
N VAL A 86 26.35 5.08 16.97
CA VAL A 86 26.79 5.75 15.78
C VAL A 86 27.66 6.96 16.12
N ASP A 87 28.95 6.83 15.91
CA ASP A 87 29.87 7.93 16.03
C ASP A 87 29.98 8.78 14.76
N LEU A 88 29.32 9.94 14.74
CA LEU A 88 29.32 10.84 13.57
C LEU A 88 30.67 11.39 13.15
N SER A 89 31.62 11.54 14.07
CA SER A 89 32.92 12.03 13.70
C SER A 89 33.61 11.10 12.74
N LEU A 90 33.21 9.83 12.72
CA LEU A 90 33.86 8.86 11.82
C LEU A 90 33.38 8.97 10.37
N TYR A 91 32.32 9.76 10.17
CA TYR A 91 31.63 9.90 8.87
C TYR A 91 31.39 11.37 8.55
N PRO A 92 32.42 12.07 8.05
CA PRO A 92 32.36 13.52 7.82
C PRO A 92 31.29 13.91 6.80
N ARG A 93 30.49 14.95 7.09
CA ARG A 93 29.43 15.42 6.15
C ARG A 93 29.75 16.68 5.30
N GLU A 94 30.05 16.47 4.02
CA GLU A 94 30.10 17.58 3.06
C GLU A 94 28.70 18.19 2.89
N GLY A 95 28.63 19.51 2.75
CA GLY A 95 27.44 20.20 2.25
C GLY A 95 26.09 19.87 2.85
N GLY A 96 26.09 19.51 4.13
CA GLY A 96 24.86 19.07 4.79
C GLY A 96 24.23 17.76 4.31
N VAL A 97 25.04 16.86 3.74
CA VAL A 97 24.54 15.59 3.24
C VAL A 97 25.31 14.37 3.80
N SER A 98 24.56 13.27 4.01
CA SER A 98 25.03 12.08 4.62
C SER A 98 25.73 11.25 3.57
N SER A 99 26.57 10.34 4.02
CA SER A 99 27.26 9.40 3.14
C SER A 99 26.55 8.03 3.15
N ARG A 100 26.80 7.22 2.13
CA ARG A 100 26.29 5.87 2.10
C ARG A 100 26.76 5.05 3.30
N GLU A 101 28.02 5.22 3.72
CA GLU A 101 28.53 4.48 4.88
C GLU A 101 27.78 4.82 6.18
N LEU A 102 27.46 6.08 6.36
CA LEU A 102 26.72 6.54 7.56
C LEU A 102 25.33 5.96 7.60
N VAL A 103 24.63 6.03 6.45
CA VAL A 103 23.29 5.46 6.37
C VAL A 103 23.35 3.98 6.63
N LYS A 104 24.37 3.27 6.09
CA LYS A 104 24.49 1.83 6.35
C LYS A 104 24.75 1.57 7.83
N LYS A 105 25.52 2.43 8.46
CA LYS A 105 25.83 2.25 9.88
C LYS A 105 24.59 2.36 10.70
N VAL A 106 23.76 3.34 10.42
CA VAL A 106 22.54 3.52 11.16
C VAL A 106 21.66 2.32 10.94
N SER A 107 21.52 1.88 9.68
CA SER A 107 20.74 0.71 9.38
C SER A 107 21.24 -0.54 10.16
N ASP A 108 22.57 -0.72 10.16
CA ASP A 108 23.18 -1.83 10.93
C ASP A 108 22.87 -1.76 12.45
N VAL A 109 22.88 -0.56 13.00
CA VAL A 109 22.54 -0.39 14.42
C VAL A 109 21.10 -0.84 14.73
N ILE A 110 20.18 -0.36 13.91
CA ILE A 110 18.79 -0.74 14.07
C ILE A 110 18.66 -2.26 13.94
N TRP A 111 19.24 -2.82 12.88
CA TRP A 111 19.15 -4.27 12.61
C TRP A 111 19.70 -5.12 13.72
N ASN A 112 20.94 -4.78 14.16
CA ASN A 112 21.58 -5.54 15.23
C ASN A 112 20.91 -5.41 16.59
N SER A 113 20.04 -4.41 16.77
CA SER A 113 19.24 -4.26 18.00
C SER A 113 18.02 -5.19 18.11
N LEU A 114 17.61 -5.85 17.01
CA LEU A 114 16.36 -6.55 16.98
C LEU A 114 16.53 -7.96 17.54
N SER A 115 15.49 -8.50 18.14
CA SER A 115 15.44 -9.90 18.60
C SER A 115 15.84 -10.85 17.50
N ARG A 116 16.57 -11.91 17.87
CA ARG A 116 17.13 -12.85 16.89
C ARG A 116 16.01 -13.55 16.10
N SER A 117 14.94 -13.91 16.80
CA SER A 117 13.86 -14.67 16.19
C SER A 117 12.50 -14.15 16.65
N TYR A 118 11.64 -13.81 15.70
CA TYR A 118 10.25 -13.49 16.03
C TYR A 118 9.39 -13.53 14.78
N PHE A 119 8.05 -13.46 14.97
CA PHE A 119 7.13 -13.46 13.82
C PHE A 119 7.08 -12.07 13.25
N LYS A 120 7.66 -11.92 12.06
CA LYS A 120 8.04 -10.61 11.53
C LYS A 120 6.84 -9.84 10.94
N ASP A 121 5.67 -10.47 10.83
CA ASP A 121 4.45 -9.77 10.37
C ASP A 121 3.31 -9.89 11.40
N ARG A 122 3.66 -9.92 12.67
CA ARG A 122 2.68 -9.66 13.71
C ARG A 122 2.20 -8.21 13.58
N ALA A 123 1.06 -7.91 14.18
CA ALA A 123 0.59 -6.54 14.31
C ALA A 123 1.33 -5.87 15.44
N HIS A 124 1.35 -4.55 15.40
CA HIS A 124 1.84 -3.75 16.50
C HIS A 124 3.32 -3.80 16.69
N ILE A 125 4.07 -4.20 15.66
CA ILE A 125 5.52 -4.12 15.74
C ILE A 125 6.08 -3.03 14.82
N GLN A 126 5.26 -2.04 14.49
CA GLN A 126 5.66 -1.07 13.53
C GLN A 126 6.38 0.17 14.09
N SER A 127 6.24 0.42 15.37
CA SER A 127 6.61 1.73 15.94
C SER A 127 7.89 1.67 16.70
N LEU A 128 8.46 2.86 16.99
CA LEU A 128 9.56 2.95 17.93
C LEU A 128 9.27 2.43 19.34
N PHE A 129 8.00 2.47 19.78
CA PHE A 129 7.63 1.89 21.05
C PHE A 129 7.95 0.38 21.03
N SER A 130 7.60 -0.28 19.92
CA SER A 130 7.91 -1.69 19.77
C SER A 130 9.40 -1.94 19.70
N PHE A 131 10.13 -1.11 18.98
CA PHE A 131 11.59 -1.26 18.90
C PHE A 131 12.19 -1.20 20.28
N ILE A 132 11.75 -0.23 21.08
CA ILE A 132 12.35 0.02 22.39
C ILE A 132 11.94 -1.05 23.42
N THR A 133 10.68 -1.33 23.48
CA THR A 133 10.19 -2.18 24.60
C THR A 133 10.24 -3.68 24.24
N GLY A 134 10.15 -3.98 22.95
CA GLY A 134 10.10 -5.36 22.45
C GLY A 134 11.29 -5.79 21.62
N THR A 135 12.17 -4.87 21.25
CA THR A 135 13.23 -5.16 20.26
C THR A 135 12.72 -5.91 19.00
N LYS A 136 11.54 -5.49 18.50
CA LYS A 136 10.90 -6.06 17.33
C LYS A 136 10.36 -4.97 16.41
N LEU A 137 10.60 -5.12 15.11
CA LEU A 137 10.09 -4.27 14.06
C LEU A 137 9.72 -5.11 12.88
N ASP A 138 8.63 -4.75 12.23
CA ASP A 138 8.29 -5.26 10.87
C ASP A 138 9.15 -4.61 9.79
N SER A 139 9.11 -5.13 8.55
CA SER A 139 10.01 -4.68 7.50
CA SER A 139 9.97 -4.67 7.46
C SER A 139 10.05 -3.15 7.30
N SER A 140 8.90 -2.52 7.10
CA SER A 140 8.90 -1.11 6.85
C SER A 140 9.12 -0.39 8.14
N GLY A 141 8.84 -1.01 9.28
CA GLY A 141 9.20 -0.39 10.58
C GLY A 141 10.73 -0.18 10.71
N VAL A 142 11.52 -1.12 10.22
CA VAL A 142 12.98 -0.89 10.22
C VAL A 142 13.37 0.32 9.41
N ALA A 143 12.81 0.46 8.21
CA ALA A 143 13.08 1.64 7.42
C ALA A 143 12.68 2.90 8.12
N PHE A 144 11.46 2.95 8.67
CA PHE A 144 11.10 4.13 9.39
C PHE A 144 12.03 4.43 10.55
N ALA A 145 12.44 3.38 11.27
CA ALA A 145 13.34 3.57 12.44
C ALA A 145 14.70 4.09 12.02
N VAL A 146 15.17 3.65 10.84
CA VAL A 146 16.44 4.22 10.28
C VAL A 146 16.24 5.75 10.07
N VAL A 147 15.10 6.16 9.54
CA VAL A 147 14.89 7.57 9.19
C VAL A 147 14.78 8.33 10.53
N GLY A 148 14.06 7.78 11.50
CA GLY A 148 13.93 8.47 12.79
C GLY A 148 15.28 8.60 13.51
N ALA A 149 16.07 7.54 13.47
CA ALA A 149 17.43 7.57 14.04
C ALA A 149 18.29 8.61 13.34
N CYS A 150 18.23 8.68 12.02
CA CYS A 150 18.93 9.73 11.25
C CYS A 150 18.52 11.16 11.66
N GLN A 151 17.22 11.39 11.80
CA GLN A 151 16.79 12.70 12.25
C GLN A 151 17.32 12.98 13.67
N ALA A 152 17.36 11.98 14.52
CA ALA A 152 17.83 12.18 15.89
C ALA A 152 19.32 12.51 15.90
N LEU A 153 20.04 12.01 14.91
CA LEU A 153 21.45 12.37 14.68
C LEU A 153 21.64 13.70 13.96
N GLY A 154 20.58 14.42 13.59
CA GLY A 154 20.68 15.68 12.83
C GLY A 154 20.95 15.55 11.33
N LEU A 155 20.68 14.38 10.76
CA LEU A 155 20.86 14.15 9.33
C LEU A 155 19.62 14.44 8.54
N ARG A 156 19.47 15.71 8.22
CA ARG A 156 18.24 16.24 7.67
C ARG A 156 17.96 15.71 6.25
N ASP A 157 18.98 15.18 5.57
CA ASP A 157 18.80 14.75 4.22
C ASP A 157 18.22 13.30 4.08
N VAL A 158 18.17 12.52 5.15
CA VAL A 158 17.79 11.11 5.03
C VAL A 158 16.28 11.04 5.18
N HIS A 159 15.61 10.47 4.20
CA HIS A 159 14.16 10.46 4.12
C HIS A 159 13.70 9.06 3.68
N LEU A 160 12.49 8.75 4.07
CA LEU A 160 11.83 7.52 3.76
C LEU A 160 11.36 7.49 2.29
N ALA A 161 11.63 6.37 1.62
CA ALA A 161 11.10 6.15 0.29
C ALA A 161 10.19 4.94 0.36
N LEU A 162 9.03 5.05 -0.33
CA LEU A 162 8.04 4.05 -0.23
C LEU A 162 7.53 3.65 -1.63
N SER A 163 7.44 2.37 -1.90
CA SER A 163 6.62 1.89 -2.96
C SER A 163 5.32 1.34 -2.39
N GLU A 164 4.57 0.59 -3.20
CA GLU A 164 3.31 0.04 -2.71
C GLU A 164 3.56 -1.23 -1.89
N ASP A 165 4.79 -1.79 -1.90
CA ASP A 165 5.07 -3.00 -1.12
C ASP A 165 6.44 -3.07 -0.46
N HIS A 166 7.18 -1.95 -0.46
CA HIS A 166 8.53 -1.91 0.09
C HIS A 166 8.87 -0.49 0.53
N ALA A 167 9.95 -0.40 1.31
CA ALA A 167 10.45 0.82 1.84
C ALA A 167 11.95 0.82 1.88
N TRP A 168 12.50 2.00 1.69
CA TRP A 168 13.93 2.19 1.79
C TRP A 168 14.17 3.65 2.05
N VAL A 169 15.43 4.07 2.06
CA VAL A 169 15.75 5.49 2.21
C VAL A 169 16.42 6.20 1.05
N VAL A 170 16.19 7.50 0.99
CA VAL A 170 16.86 8.37 0.07
C VAL A 170 17.71 9.32 0.88
N PHE A 171 18.78 9.82 0.27
CA PHE A 171 19.68 10.71 1.03
C PHE A 171 20.69 11.35 0.06
N GLY A 172 21.60 12.12 0.61
CA GLY A 172 22.79 12.57 -0.13
C GLY A 172 22.51 13.79 -0.93
N PRO A 173 23.44 14.13 -1.82
CA PRO A 173 23.32 15.29 -2.69
C PRO A 173 22.01 15.30 -3.42
N ASN A 174 21.25 16.37 -3.24
CA ASN A 174 19.96 16.52 -3.87
C ASN A 174 18.93 15.47 -3.46
N GLY A 175 19.28 14.59 -2.55
CA GLY A 175 18.38 13.54 -2.13
C GLY A 175 18.31 12.49 -3.22
N GLU A 176 19.36 12.45 -4.01
CA GLU A 176 19.34 11.59 -5.16
C GLU A 176 19.77 10.16 -4.93
N GLN A 177 20.44 9.88 -3.82
CA GLN A 177 20.83 8.53 -3.54
C GLN A 177 19.73 7.70 -2.92
N THR A 178 19.77 6.42 -3.27
CA THR A 178 18.95 5.41 -2.60
C THR A 178 19.73 4.35 -1.88
N ALA A 179 19.20 3.91 -0.76
CA ALA A 179 19.77 2.77 -0.07
C ALA A 179 18.76 1.84 0.50
N GLU A 180 18.97 0.56 0.27
CA GLU A 180 18.21 -0.52 0.93
C GLU A 180 18.60 -0.55 2.39
N VAL A 181 17.61 -0.64 3.27
CA VAL A 181 17.86 -0.70 4.73
C VAL A 181 17.11 -1.80 5.46
N THR A 182 16.22 -2.51 4.79
CA THR A 182 15.40 -3.49 5.42
C THR A 182 15.24 -4.62 4.46
N TRP A 183 14.56 -5.66 4.91
CA TRP A 183 14.32 -6.82 4.10
C TRP A 183 13.02 -6.64 3.32
N HIS A 184 12.81 -7.46 2.29
CA HIS A 184 11.54 -7.50 1.62
C HIS A 184 11.05 -8.96 1.55
N GLY A 185 9.83 -9.16 2.00
CA GLY A 185 9.12 -10.40 1.80
C GLY A 185 9.75 -11.52 2.59
N LYS A 186 9.84 -12.69 1.96
CA LYS A 186 10.17 -13.93 2.65
C LYS A 186 11.33 -14.53 1.88
N GLY A 187 12.47 -14.71 2.55
CA GLY A 187 13.63 -15.38 1.96
C GLY A 187 14.49 -14.51 1.08
N ASN A 188 13.88 -13.54 0.40
CA ASN A 188 14.58 -12.62 -0.48
C ASN A 188 15.85 -12.12 0.20
N GLU A 189 16.96 -12.16 -0.54
CA GLU A 189 18.30 -12.11 0.02
C GLU A 189 18.91 -10.71 -0.15
N ASP A 190 19.47 -10.18 0.93
CA ASP A 190 19.78 -8.75 1.05
C ASP A 190 20.41 -8.09 -0.18
N ARG A 191 19.95 -6.88 -0.45
CA ARG A 191 20.73 -5.90 -1.19
C ARG A 191 20.94 -4.74 -0.20
N ARG A 192 20.99 -5.05 1.09
CA ARG A 192 21.01 -4.00 2.07
C ARG A 192 22.29 -3.18 1.77
N GLY A 193 22.14 -1.86 1.81
CA GLY A 193 23.22 -0.94 1.53
C GLY A 193 23.32 -0.50 0.08
N GLN A 194 22.70 -1.26 -0.82
CA GLN A 194 22.73 -0.97 -2.28
C GLN A 194 21.64 -0.01 -2.71
N THR A 195 21.75 0.46 -3.94
CA THR A 195 20.72 1.32 -4.55
C THR A 195 19.56 0.44 -4.98
N VAL A 196 18.48 1.12 -5.35
CA VAL A 196 17.35 0.46 -5.92
C VAL A 196 17.36 0.52 -7.46
N ASN A 197 18.43 1.03 -8.06
CA ASN A 197 18.45 1.29 -9.51
C ASN A 197 18.27 0.05 -10.37
N ALA A 198 18.77 -1.08 -9.93
CA ALA A 198 18.50 -2.31 -10.67
C ALA A 198 17.01 -2.67 -10.72
N GLY A 199 16.32 -2.44 -9.61
CA GLY A 199 14.85 -2.77 -9.58
C GLY A 199 14.05 -1.79 -10.38
N VAL A 200 14.48 -0.52 -10.35
CA VAL A 200 13.91 0.45 -11.22
C VAL A 200 14.14 0.09 -12.68
N ALA A 201 15.38 -0.25 -13.05
CA ALA A 201 15.71 -0.56 -14.42
C ALA A 201 14.95 -1.78 -14.93
N GLU A 202 14.63 -2.73 -14.07
CA GLU A 202 13.87 -3.89 -14.56
C GLU A 202 12.39 -3.73 -14.66
N ARG A 203 11.89 -2.59 -14.25
CA ARG A 203 10.45 -2.29 -14.46
C ARG A 203 9.55 -3.25 -13.68
N SER A 204 9.97 -3.64 -12.50
CA SER A 204 9.16 -4.38 -11.56
C SER A 204 8.19 -3.46 -10.87
N TRP A 205 7.05 -4.03 -10.46
CA TRP A 205 6.12 -3.23 -9.62
C TRP A 205 6.72 -2.77 -8.30
N LEU A 206 7.57 -3.60 -7.74
CA LEU A 206 8.12 -3.30 -6.42
C LEU A 206 8.84 -1.94 -6.36
N TYR A 207 9.48 -1.51 -7.45
CA TYR A 207 10.13 -0.22 -7.49
C TYR A 207 9.42 0.83 -8.30
N LEU A 208 8.25 0.50 -8.82
CA LEU A 208 7.38 1.46 -9.47
C LEU A 208 7.97 2.22 -10.66
N LYS A 209 8.92 1.60 -11.37
CA LYS A 209 9.62 2.22 -12.46
C LYS A 209 10.20 3.60 -12.04
N GLY A 210 10.46 3.71 -10.75
CA GLY A 210 11.08 4.93 -10.21
C GLY A 210 10.05 5.94 -9.77
N SER A 211 8.76 5.62 -9.97
CA SER A 211 7.63 6.51 -9.51
C SER A 211 7.17 6.22 -8.09
N TYR A 212 8.14 5.96 -7.19
CA TYR A 212 7.90 5.71 -5.80
C TYR A 212 7.91 7.03 -5.06
N MET A 213 7.44 6.96 -3.83
CA MET A 213 7.27 8.16 -3.01
C MET A 213 8.59 8.53 -2.36
N ARG A 214 8.98 9.79 -2.47
CA ARG A 214 10.16 10.30 -1.74
C ARG A 214 9.58 11.25 -0.68
N CYS A 215 9.58 10.79 0.56
CA CYS A 215 8.88 11.48 1.66
C CYS A 215 9.68 12.70 2.07
N ASP A 216 8.98 13.76 2.41
CA ASP A 216 9.53 14.78 3.28
C ASP A 216 9.11 14.44 4.71
N ARG A 217 9.50 15.22 5.72
CA ARG A 217 9.21 14.86 7.10
C ARG A 217 7.75 14.80 7.37
N LYS A 218 7.00 15.65 6.71
CA LYS A 218 5.53 15.65 6.91
C LYS A 218 4.89 14.36 6.42
N MET A 219 5.37 13.88 5.28
CA MET A 219 4.88 12.64 4.71
C MET A 219 5.32 11.45 5.55
N GLU A 220 6.48 11.59 6.21
CA GLU A 220 6.92 10.58 7.18
C GLU A 220 5.98 10.47 8.38
N VAL A 221 5.45 11.62 8.81
CA VAL A 221 4.36 11.59 9.77
C VAL A 221 3.14 10.89 9.26
N ALA A 222 2.75 11.24 8.05
CA ALA A 222 1.64 10.56 7.40
C ALA A 222 1.81 9.02 7.35
N PHE A 223 3.04 8.57 7.08
CA PHE A 223 3.31 7.15 7.10
C PHE A 223 3.05 6.49 8.41
N MET A 224 3.52 7.09 9.51
CA MET A 224 3.33 6.51 10.80
C MET A 224 1.89 6.52 11.25
N VAL A 225 1.15 7.50 10.75
CA VAL A 225 -0.29 7.52 11.02
C VAL A 225 -1.01 6.40 10.23
N CYS A 226 -0.68 6.19 8.95
CA CYS A 226 -1.21 5.07 8.18
C CYS A 226 -0.81 3.76 8.81
N ALA A 227 0.36 3.78 9.42
CA ALA A 227 0.89 2.55 10.10
C ALA A 227 0.21 2.18 11.38
N ILE A 228 -0.60 3.09 11.98
CA ILE A 228 -1.40 2.70 13.13
C ILE A 228 -2.22 1.47 12.76
N ASN A 229 -2.27 0.52 13.67
CA ASN A 229 -2.99 -0.69 13.48
C ASN A 229 -4.05 -0.89 14.55
N PRO A 230 -5.28 -0.56 14.22
CA PRO A 230 -6.36 -0.67 15.21
C PRO A 230 -6.81 -2.04 15.60
N SER A 231 -6.31 -3.06 14.91
CA SER A 231 -6.82 -4.41 15.12
CA SER A 231 -6.78 -4.43 15.12
C SER A 231 -6.49 -4.95 16.50
N ILE A 232 -7.52 -5.41 17.21
CA ILE A 232 -7.31 -6.02 18.50
C ILE A 232 -7.17 -7.54 18.31
N ASP A 233 -8.04 -8.11 17.49
CA ASP A 233 -7.87 -9.50 17.01
C ASP A 233 -8.53 -9.56 15.67
N LEU A 234 -8.73 -10.76 15.11
CA LEU A 234 -9.23 -10.87 13.72
C LEU A 234 -10.66 -10.33 13.54
N HIS A 235 -11.45 -10.27 14.61
CA HIS A 235 -12.84 -9.82 14.55
C HIS A 235 -13.11 -8.48 15.26
N THR A 236 -12.09 -7.85 15.81
CA THR A 236 -12.30 -6.67 16.63
C THR A 236 -11.27 -5.57 16.40
N ASP A 237 -11.72 -4.36 16.12
CA ASP A 237 -10.85 -3.18 16.10
C ASP A 237 -11.10 -2.28 17.28
N SER A 238 -10.09 -1.52 17.65
CA SER A 238 -10.17 -0.53 18.66
C SER A 238 -10.85 0.69 18.04
N LEU A 239 -11.98 1.10 18.62
CA LEU A 239 -12.66 2.24 18.14
C LEU A 239 -11.86 3.49 18.35
N GLU A 240 -11.16 3.54 19.48
CA GLU A 240 -10.37 4.66 19.86
C GLU A 240 -9.22 4.85 18.82
N LEU A 241 -8.55 3.76 18.48
CA LEU A 241 -7.48 3.88 17.50
C LEU A 241 -7.99 4.21 16.10
N LEU A 242 -9.13 3.65 15.67
CA LEU A 242 -9.74 4.10 14.40
C LEU A 242 -9.97 5.59 14.37
N GLN A 243 -10.59 6.08 15.45
CA GLN A 243 -10.90 7.50 15.56
C GLN A 243 -9.66 8.35 15.54
N LEU A 244 -8.64 7.92 16.30
CA LEU A 244 -7.34 8.62 16.34
C LEU A 244 -6.71 8.65 14.96
N GLN A 245 -6.69 7.50 14.26
CA GLN A 245 -6.11 7.49 12.91
C GLN A 245 -6.85 8.40 11.92
N GLN A 246 -8.16 8.35 12.00
CA GLN A 246 -8.99 9.17 11.15
C GLN A 246 -8.79 10.66 11.39
N LYS A 247 -8.82 11.08 12.66
CA LYS A 247 -8.54 12.47 12.98
C LYS A 247 -7.17 12.95 12.56
N LEU A 248 -6.20 12.08 12.76
CA LEU A 248 -4.84 12.43 12.37
C LEU A 248 -4.67 12.52 10.89
N LEU A 249 -5.31 11.64 10.15
CA LEU A 249 -5.35 11.77 8.69
C LEU A 249 -6.10 13.01 8.17
N TRP A 250 -7.19 13.43 8.85
CA TRP A 250 -7.84 14.68 8.44
C TRP A 250 -6.95 15.86 8.68
N LEU A 251 -6.20 15.82 9.81
CA LEU A 251 -5.25 16.90 10.15
C LEU A 251 -4.22 17.06 9.06
N LEU A 252 -3.63 15.91 8.69
CA LEU A 252 -2.66 15.90 7.61
C LEU A 252 -3.23 16.37 6.27
N TYR A 253 -4.43 15.94 6.01
CA TYR A 253 -5.13 16.32 4.82
C TYR A 253 -5.26 17.85 4.74
N ASP A 254 -5.77 18.46 5.82
CA ASP A 254 -6.05 19.91 5.87
C ASP A 254 -4.80 20.70 5.74
N LEU A 255 -3.70 20.15 6.17
CA LEU A 255 -2.46 20.82 6.07
C LEU A 255 -1.73 20.64 4.76
N GLY A 256 -2.22 19.79 3.89
CA GLY A 256 -1.65 19.63 2.59
C GLY A 256 -0.76 18.38 2.43
N HIS A 257 -0.60 17.61 3.49
CA HIS A 257 0.49 16.62 3.56
C HIS A 257 0.05 15.26 3.02
N LEU A 258 -1.22 15.12 2.65
CA LEU A 258 -1.61 13.94 1.84
C LEU A 258 -1.66 14.17 0.34
N GLU A 259 -1.22 15.34 -0.13
CA GLU A 259 -1.28 15.72 -1.57
C GLU A 259 -0.59 14.69 -2.47
N ARG A 260 0.58 14.20 -2.02
N ARG A 260 0.57 14.19 -2.01
CA ARG A 260 1.41 13.25 -2.74
CA ARG A 260 1.41 13.26 -2.73
C ARG A 260 1.37 11.83 -2.13
C ARG A 260 1.37 11.83 -2.13
N TYR A 261 0.28 11.49 -1.45
CA TYR A 261 0.20 10.19 -0.74
C TYR A 261 -1.11 9.46 -1.04
N PRO A 262 -1.17 8.84 -2.24
CA PRO A 262 -2.35 8.12 -2.65
C PRO A 262 -2.86 7.09 -1.66
N MET A 263 -2.00 6.22 -1.12
CA MET A 263 -2.50 5.19 -0.20
C MET A 263 -3.10 5.79 1.09
N ALA A 264 -2.54 6.92 1.55
CA ALA A 264 -3.13 7.53 2.74
C ALA A 264 -4.55 8.02 2.45
N LEU A 265 -4.77 8.51 1.26
CA LEU A 265 -6.15 9.01 0.91
C LEU A 265 -7.12 7.84 0.79
N GLY A 266 -6.64 6.73 0.24
CA GLY A 266 -7.34 5.49 0.28
C GLY A 266 -7.69 4.96 1.65
N ASN A 267 -6.70 4.95 2.55
CA ASN A 267 -6.94 4.56 3.94
CA ASN A 267 -6.90 4.65 3.97
C ASN A 267 -7.99 5.50 4.59
N LEU A 268 -7.95 6.78 4.28
CA LEU A 268 -8.90 7.75 4.90
C LEU A 268 -10.29 7.51 4.33
N ALA A 269 -10.36 7.23 3.04
CA ALA A 269 -11.67 6.89 2.42
C ALA A 269 -12.27 5.66 3.07
N ASP A 270 -11.43 4.64 3.28
CA ASP A 270 -11.86 3.43 3.93
C ASP A 270 -12.40 3.67 5.35
N LEU A 271 -11.74 4.54 6.09
CA LEU A 271 -12.22 4.90 7.42
C LEU A 271 -13.55 5.67 7.33
N GLU A 272 -13.62 6.61 6.39
CA GLU A 272 -14.82 7.40 6.23
C GLU A 272 -16.01 6.53 5.85
N GLU A 273 -15.77 5.49 5.07
CA GLU A 273 -16.82 4.50 4.73
C GLU A 273 -17.28 3.83 5.98
N LEU A 274 -16.37 3.48 6.87
CA LEU A 274 -16.76 2.80 8.08
C LEU A 274 -17.53 3.76 9.01
N GLU A 275 -17.11 5.02 9.05
CA GLU A 275 -17.69 6.01 10.03
C GLU A 275 -17.50 7.43 9.53
N PRO A 276 -18.48 7.95 8.82
CA PRO A 276 -18.20 9.24 8.18
C PRO A 276 -18.20 10.43 9.16
N THR A 277 -17.34 11.38 8.86
CA THR A 277 -17.20 12.61 9.58
C THR A 277 -18.10 13.65 8.96
N PRO A 278 -19.03 14.23 9.76
CA PRO A 278 -19.91 15.19 9.09
C PRO A 278 -19.12 16.38 8.51
N GLY A 279 -19.50 16.74 7.28
CA GLY A 279 -18.95 17.86 6.53
C GLY A 279 -17.62 17.59 5.87
N ARG A 280 -17.31 16.31 5.70
CA ARG A 280 -16.13 15.89 4.96
C ARG A 280 -16.55 15.31 3.59
N PRO A 281 -15.68 15.36 2.61
CA PRO A 281 -15.84 14.59 1.37
C PRO A 281 -16.24 13.13 1.61
N ASP A 282 -17.06 12.58 0.70
CA ASP A 282 -17.48 11.22 0.73
C ASP A 282 -16.28 10.32 0.38
N PRO A 283 -16.39 9.06 0.74
CA PRO A 283 -15.30 8.15 0.38
C PRO A 283 -14.99 8.13 -1.12
N LEU A 284 -16.03 8.20 -1.97
CA LEU A 284 -15.74 8.20 -3.40
C LEU A 284 -14.86 9.33 -3.79
N THR A 285 -15.10 10.52 -3.23
CA THR A 285 -14.34 11.65 -3.62
C THR A 285 -12.88 11.47 -3.19
N LEU A 286 -12.71 10.91 -2.02
CA LEU A 286 -11.36 10.63 -1.52
C LEU A 286 -10.67 9.55 -2.35
N TYR A 287 -11.34 8.48 -2.74
CA TYR A 287 -10.71 7.53 -3.69
C TYR A 287 -10.26 8.20 -4.93
N HIS A 288 -11.09 9.09 -5.49
CA HIS A 288 -10.71 9.76 -6.70
C HIS A 288 -9.60 10.77 -6.55
N LYS A 289 -9.51 11.39 -5.37
CA LYS A 289 -8.35 12.25 -5.11
C LYS A 289 -7.05 11.40 -5.00
N GLY A 290 -7.17 10.19 -4.47
CA GLY A 290 -6.00 9.26 -4.45
C GLY A 290 -5.52 8.97 -5.84
N ILE A 291 -6.46 8.61 -6.73
CA ILE A 291 -6.16 8.42 -8.16
C ILE A 291 -5.57 9.65 -8.84
N ALA A 292 -6.14 10.83 -8.53
CA ALA A 292 -5.63 12.10 -9.06
C ALA A 292 -4.18 12.37 -8.59
N SER A 293 -3.96 12.10 -7.31
CA SER A 293 -2.59 12.18 -6.78
C SER A 293 -1.61 11.28 -7.53
N ALA A 294 -1.98 10.01 -7.75
CA ALA A 294 -1.12 9.08 -8.51
C ALA A 294 -0.85 9.60 -9.92
N LYS A 295 -1.89 10.14 -10.57
CA LYS A 295 -1.71 10.65 -11.90
C LYS A 295 -0.83 11.92 -11.94
N THR A 296 -0.96 12.75 -10.93
CA THR A 296 -0.22 14.02 -10.95
C THR A 296 1.20 13.86 -10.59
N TYR A 297 1.48 13.06 -9.54
CA TYR A 297 2.85 12.97 -9.00
C TYR A 297 3.63 11.70 -9.34
N TYR A 298 2.93 10.64 -9.74
CA TYR A 298 3.58 9.33 -9.92
C TYR A 298 3.29 8.72 -11.31
N ARG A 299 2.99 9.57 -12.29
CA ARG A 299 2.81 9.13 -13.69
C ARG A 299 1.76 8.07 -13.87
N ASP A 300 0.79 8.03 -12.95
CA ASP A 300 -0.27 7.04 -12.94
C ASP A 300 0.36 5.64 -13.00
N GLU A 301 1.43 5.40 -12.22
CA GLU A 301 2.07 4.06 -12.19
C GLU A 301 1.75 3.21 -10.96
N HIS A 302 0.79 3.65 -10.13
CA HIS A 302 0.40 2.99 -8.94
C HIS A 302 -0.82 2.15 -9.18
N ILE A 303 -0.85 1.00 -8.58
CA ILE A 303 -1.95 0.02 -8.69
C ILE A 303 -3.03 0.23 -7.61
N TYR A 304 -2.63 0.56 -6.39
CA TYR A 304 -3.57 0.53 -5.31
C TYR A 304 -4.63 1.66 -5.38
N PRO A 305 -4.34 2.81 -6.02
CA PRO A 305 -5.45 3.80 -6.02
C PRO A 305 -6.75 3.21 -6.67
N TYR A 306 -6.57 2.47 -7.73
CA TYR A 306 -7.71 1.81 -8.40
C TYR A 306 -8.20 0.62 -7.61
N MET A 307 -7.30 -0.09 -6.97
CA MET A 307 -7.80 -1.23 -6.11
CA MET A 307 -7.77 -1.20 -6.16
C MET A 307 -8.55 -0.80 -4.91
N TYR A 308 -8.26 0.35 -4.34
CA TYR A 308 -9.05 0.88 -3.23
C TYR A 308 -10.45 1.23 -3.77
N LEU A 309 -10.49 1.86 -4.93
CA LEU A 309 -11.82 2.24 -5.52
C LEU A 309 -12.64 1.03 -5.82
N ALA A 310 -11.97 0.03 -6.41
CA ALA A 310 -12.68 -1.14 -6.80
C ALA A 310 -13.30 -1.87 -5.62
N GLY A 311 -12.54 -1.96 -4.53
CA GLY A 311 -13.02 -2.63 -3.37
C GLY A 311 -14.23 -1.94 -2.74
N TYR A 312 -14.21 -0.64 -2.67
CA TYR A 312 -15.41 0.11 -2.28
C TYR A 312 -16.64 -0.26 -3.17
N HIS A 313 -16.47 -0.13 -4.48
CA HIS A 313 -17.59 -0.46 -5.38
C HIS A 313 -18.01 -1.91 -5.22
N CYS A 314 -17.03 -2.80 -5.05
CA CYS A 314 -17.32 -4.22 -4.70
C CYS A 314 -18.17 -4.38 -3.46
N ARG A 315 -17.74 -3.76 -2.36
CA ARG A 315 -18.47 -3.92 -1.10
C ARG A 315 -19.88 -3.38 -1.20
N ASN A 316 -20.06 -2.36 -2.02
CA ASN A 316 -21.34 -1.74 -2.24
C ASN A 316 -22.13 -2.33 -3.42
N ARG A 317 -21.62 -3.42 -4.03
CA ARG A 317 -22.25 -4.04 -5.23
C ARG A 317 -22.58 -3.10 -6.38
N ASN A 318 -21.64 -2.21 -6.67
CA ASN A 318 -21.71 -1.40 -7.84
C ASN A 318 -20.84 -2.21 -8.81
N VAL A 319 -21.40 -3.24 -9.43
CA VAL A 319 -20.59 -4.18 -10.23
C VAL A 319 -19.90 -3.54 -11.42
N ARG A 320 -20.64 -2.75 -12.18
CA ARG A 320 -20.09 -2.02 -13.27
C ARG A 320 -18.84 -1.20 -12.87
N GLU A 321 -18.96 -0.43 -11.79
CA GLU A 321 -17.87 0.46 -11.34
C GLU A 321 -16.72 -0.31 -10.72
N ALA A 322 -17.00 -1.42 -10.08
CA ALA A 322 -15.95 -2.34 -9.61
C ALA A 322 -15.13 -2.91 -10.77
N LEU A 323 -15.80 -3.41 -11.79
CA LEU A 323 -15.14 -3.90 -12.98
C LEU A 323 -14.33 -2.86 -13.65
N GLN A 324 -14.85 -1.64 -13.71
CA GLN A 324 -14.16 -0.60 -14.37
C GLN A 324 -12.83 -0.30 -13.67
N ALA A 325 -12.92 -0.20 -12.35
CA ALA A 325 -11.76 0.10 -11.52
C ALA A 325 -10.76 -1.05 -11.54
N TRP A 326 -11.19 -2.29 -11.51
CA TRP A 326 -10.24 -3.39 -11.72
C TRP A 326 -9.62 -3.41 -13.12
N ALA A 327 -10.40 -3.07 -14.16
CA ALA A 327 -9.83 -2.91 -15.52
C ALA A 327 -8.75 -1.83 -15.54
N ASP A 328 -8.99 -0.69 -14.85
CA ASP A 328 -8.00 0.35 -14.64
C ASP A 328 -6.77 -0.12 -13.89
N THR A 329 -6.92 -1.02 -12.93
CA THR A 329 -5.76 -1.63 -12.22
C THR A 329 -4.93 -2.38 -13.20
N ALA A 330 -5.58 -3.17 -14.03
CA ALA A 330 -4.86 -3.91 -15.06
C ALA A 330 -4.22 -3.02 -16.10
N THR A 331 -4.86 -1.91 -16.42
CA THR A 331 -4.27 -1.01 -17.40
C THR A 331 -3.00 -0.37 -16.88
N VAL A 332 -2.90 -0.23 -15.56
CA VAL A 332 -1.60 0.17 -14.94
C VAL A 332 -0.55 -0.91 -15.01
N ILE A 333 -0.91 -2.12 -14.62
CA ILE A 333 0.02 -3.22 -14.53
C ILE A 333 0.56 -3.67 -15.84
N GLN A 334 -0.18 -3.39 -16.91
CA GLN A 334 0.22 -3.89 -18.23
C GLN A 334 1.57 -3.34 -18.66
N ASP A 335 1.98 -2.20 -18.10
CA ASP A 335 3.22 -1.55 -18.53
C ASP A 335 4.40 -1.85 -17.56
N TYR A 336 4.23 -2.87 -16.77
CA TYR A 336 5.25 -3.38 -15.88
C TYR A 336 5.72 -4.72 -16.40
N ASN A 337 6.88 -5.16 -15.95
CA ASN A 337 7.38 -6.55 -16.12
C ASN A 337 7.15 -7.34 -14.85
N TYR A 338 6.52 -8.51 -14.94
CA TYR A 338 6.32 -9.31 -13.77
C TYR A 338 7.65 -9.88 -13.27
N CYS A 339 8.13 -9.40 -12.12
CA CYS A 339 9.42 -9.85 -11.59
CA CYS A 339 9.41 -9.82 -11.50
C CYS A 339 9.22 -10.67 -10.24
N ARG A 340 10.26 -11.40 -9.85
CA ARG A 340 10.23 -12.35 -8.71
C ARG A 340 9.57 -11.81 -7.42
N GLU A 341 10.01 -10.65 -7.02
CA GLU A 341 9.54 -10.06 -5.77
C GLU A 341 8.24 -9.26 -5.85
N ASP A 342 7.54 -9.32 -6.97
CA ASP A 342 6.19 -8.69 -7.12
C ASP A 342 5.05 -9.62 -6.70
N GLU A 343 5.35 -10.67 -5.94
CA GLU A 343 4.32 -11.72 -5.63
C GLU A 343 3.09 -11.16 -4.97
N GLU A 344 3.18 -10.10 -4.15
CA GLU A 344 1.97 -9.63 -3.50
C GLU A 344 0.91 -9.13 -4.50
N ILE A 345 1.36 -8.44 -5.54
CA ILE A 345 0.41 -7.90 -6.56
C ILE A 345 -0.11 -8.99 -7.45
N TYR A 346 0.70 -10.00 -7.71
CA TYR A 346 0.19 -11.21 -8.42
C TYR A 346 -0.92 -11.84 -7.62
N LYS A 347 -0.73 -11.99 -6.30
CA LYS A 347 -1.72 -12.62 -5.44
C LYS A 347 -2.99 -11.82 -5.45
N GLU A 348 -2.90 -10.49 -5.44
CA GLU A 348 -4.08 -9.67 -5.47
C GLU A 348 -4.87 -9.84 -6.83
N PHE A 349 -4.18 -9.83 -7.95
CA PHE A 349 -4.80 -10.02 -9.28
C PHE A 349 -5.41 -11.43 -9.35
N PHE A 350 -4.73 -12.40 -8.78
CA PHE A 350 -5.23 -13.75 -8.78
C PHE A 350 -6.56 -13.86 -8.01
N GLU A 351 -6.62 -13.25 -6.84
CA GLU A 351 -7.79 -13.28 -5.97
C GLU A 351 -8.95 -12.52 -6.71
N VAL A 352 -8.65 -11.38 -7.33
CA VAL A 352 -9.74 -10.62 -8.07
C VAL A 352 -10.29 -11.46 -9.21
N ALA A 353 -9.41 -11.99 -10.03
CA ALA A 353 -9.83 -12.78 -11.22
C ALA A 353 -10.47 -14.07 -10.83
N ASN A 354 -9.95 -14.71 -9.79
CA ASN A 354 -10.36 -16.08 -9.55
C ASN A 354 -11.21 -16.31 -8.35
N ASP A 355 -11.51 -15.25 -7.63
CA ASP A 355 -12.42 -15.42 -6.49
C ASP A 355 -13.41 -14.30 -6.45
N VAL A 356 -12.93 -13.06 -6.45
CA VAL A 356 -13.86 -11.94 -6.23
C VAL A 356 -14.78 -11.72 -7.39
N ILE A 357 -14.25 -11.59 -8.59
CA ILE A 357 -15.10 -11.40 -9.79
C ILE A 357 -16.11 -12.58 -9.92
N PRO A 358 -15.64 -13.82 -9.82
CA PRO A 358 -16.56 -14.93 -9.96
C PRO A 358 -17.71 -14.90 -8.95
N ASN A 359 -17.43 -14.51 -7.72
CA ASN A 359 -18.47 -14.37 -6.68
C ASN A 359 -19.46 -13.27 -6.95
N LEU A 360 -18.95 -12.15 -7.42
CA LEU A 360 -19.78 -11.03 -7.84
C LEU A 360 -20.67 -11.36 -8.99
N LEU A 361 -20.14 -12.06 -10.00
CA LEU A 361 -20.95 -12.37 -11.19
C LEU A 361 -21.93 -13.50 -10.92
N LYS A 362 -21.55 -14.43 -10.03
CA LYS A 362 -22.46 -15.46 -9.56
C LYS A 362 -23.70 -14.87 -8.88
N GLU A 363 -23.49 -13.91 -7.99
CA GLU A 363 -24.60 -13.16 -7.39
C GLU A 363 -25.41 -12.39 -8.44
N ALA A 364 -24.74 -11.68 -9.34
CA ALA A 364 -25.39 -10.99 -10.47
C ALA A 364 -26.26 -11.93 -11.24
N ALA A 365 -25.79 -13.15 -11.50
CA ALA A 365 -26.55 -14.06 -12.28
C ALA A 365 -27.83 -14.44 -11.53
N SER A 366 -27.75 -14.70 -10.22
CA SER A 366 -29.00 -14.99 -9.44
C SER A 366 -29.96 -13.83 -9.44
N LEU A 367 -29.42 -12.62 -9.29
CA LEU A 367 -30.27 -11.42 -9.21
C LEU A 367 -30.91 -11.15 -10.57
N LEU A 368 -30.16 -11.44 -11.63
CA LEU A 368 -30.74 -11.49 -12.99
C LEU A 368 -31.94 -12.41 -13.14
N GLU A 369 -31.78 -13.64 -12.67
CA GLU A 369 -32.87 -14.61 -12.70
C GLU A 369 -34.07 -14.11 -11.90
N ALA A 370 -33.80 -13.24 -10.94
CA ALA A 370 -34.83 -12.71 -10.10
C ALA A 370 -35.40 -11.42 -10.60
N GLY A 371 -35.09 -11.05 -11.82
CA GLY A 371 -35.71 -9.92 -12.44
C GLY A 371 -34.93 -8.63 -12.42
N SER A 372 -33.66 -8.67 -12.11
CA SER A 372 -32.93 -7.45 -12.12
C SER A 372 -32.99 -6.70 -13.45
N GLN A 373 -32.94 -5.38 -13.36
CA GLN A 373 -32.90 -4.46 -14.48
C GLN A 373 -31.63 -3.66 -14.34
N GLY A 374 -31.06 -3.22 -15.44
CA GLY A 374 -29.77 -2.54 -15.44
C GLY A 374 -28.62 -3.41 -14.92
N SER A 375 -28.80 -4.75 -14.91
CA SER A 375 -27.78 -5.72 -14.39
C SER A 375 -26.45 -5.55 -15.14
N ALA A 376 -25.33 -5.69 -14.45
CA ALA A 376 -24.01 -5.67 -15.12
C ALA A 376 -23.99 -6.71 -16.24
N LEU A 377 -24.68 -7.82 -16.03
CA LEU A 377 -24.59 -8.94 -16.98
C LEU A 377 -25.34 -8.69 -18.29
N GLN A 378 -26.21 -7.68 -18.29
CA GLN A 378 -26.84 -7.21 -19.50
C GLN A 378 -26.20 -5.92 -20.01
N ASP A 379 -25.07 -5.52 -19.41
CA ASP A 379 -24.41 -4.30 -19.89
C ASP A 379 -23.14 -4.64 -20.66
N PRO A 380 -23.13 -4.40 -21.98
CA PRO A 380 -21.92 -4.66 -22.74
C PRO A 380 -20.71 -3.87 -22.23
N GLU A 381 -20.91 -2.72 -21.59
CA GLU A 381 -19.76 -1.96 -21.01
C GLU A 381 -19.07 -2.77 -19.88
N CYS A 382 -19.84 -3.52 -19.12
CA CYS A 382 -19.32 -4.39 -18.05
C CYS A 382 -18.51 -5.52 -18.65
N PHE A 383 -19.01 -6.11 -19.73
CA PHE A 383 -18.24 -7.16 -20.42
C PHE A 383 -16.96 -6.57 -20.93
N ALA A 384 -16.99 -5.36 -21.47
CA ALA A 384 -15.78 -4.71 -21.93
C ALA A 384 -14.75 -4.53 -20.82
N HIS A 385 -15.22 -4.12 -19.64
CA HIS A 385 -14.31 -3.92 -18.48
C HIS A 385 -13.66 -5.26 -18.16
N LEU A 386 -14.47 -6.32 -18.12
CA LEU A 386 -13.98 -7.68 -17.84
C LEU A 386 -12.85 -8.06 -18.83
N LEU A 387 -13.09 -7.75 -20.10
CA LEU A 387 -12.11 -8.05 -21.12
C LEU A 387 -10.86 -7.18 -20.98
N ARG A 388 -11.03 -5.91 -20.62
CA ARG A 388 -9.85 -5.04 -20.45
C ARG A 388 -9.00 -5.50 -19.28
N PHE A 389 -9.63 -6.00 -18.23
CA PHE A 389 -8.95 -6.52 -17.07
C PHE A 389 -8.04 -7.66 -17.49
N TYR A 390 -8.59 -8.62 -18.19
CA TYR A 390 -7.76 -9.72 -18.67
C TYR A 390 -6.70 -9.24 -19.66
N ASP A 391 -7.05 -8.29 -20.52
CA ASP A 391 -6.09 -7.76 -21.50
C ASP A 391 -4.81 -7.20 -20.81
N GLY A 392 -5.01 -6.47 -19.71
CA GLY A 392 -3.88 -5.87 -18.96
C GLY A 392 -3.02 -6.95 -18.33
N ILE A 393 -3.66 -7.96 -17.79
CA ILE A 393 -2.94 -9.02 -17.16
C ILE A 393 -2.10 -9.78 -18.23
N CYS A 394 -2.68 -10.04 -19.38
CA CYS A 394 -1.99 -10.69 -20.46
C CYS A 394 -0.85 -9.83 -20.95
N LYS A 395 -1.05 -8.50 -21.03
CA LYS A 395 0.03 -7.60 -21.48
C LYS A 395 1.21 -7.52 -20.48
N TRP A 396 0.87 -7.42 -19.22
CA TRP A 396 1.84 -7.58 -18.13
C TRP A 396 2.71 -8.79 -18.31
N GLU A 397 2.10 -9.91 -18.67
CA GLU A 397 2.81 -11.13 -18.83
C GLU A 397 3.79 -11.02 -19.97
N GLU A 398 3.47 -10.25 -20.99
CA GLU A 398 4.38 -10.11 -22.14
C GLU A 398 5.71 -9.47 -21.75
N GLY A 399 6.74 -10.23 -22.04
CA GLY A 399 8.12 -9.75 -21.82
C GLY A 399 8.50 -9.73 -20.36
N SER A 400 7.80 -10.52 -19.59
CA SER A 400 8.20 -10.77 -18.25
C SER A 400 9.03 -12.04 -18.26
N PRO A 401 9.96 -12.12 -17.33
CA PRO A 401 10.73 -13.36 -17.20
C PRO A 401 9.83 -14.53 -16.93
N THR A 402 9.16 -14.54 -15.78
CA THR A 402 8.18 -15.57 -15.45
C THR A 402 6.80 -15.28 -16.05
N PRO A 403 6.12 -16.36 -16.43
CA PRO A 403 4.69 -16.37 -16.81
C PRO A 403 3.73 -15.92 -15.68
N VAL A 404 2.57 -15.36 -16.05
CA VAL A 404 1.55 -14.97 -15.09
C VAL A 404 0.36 -15.95 -15.17
N LEU A 405 -0.17 -16.12 -16.36
CA LEU A 405 -1.39 -16.92 -16.55
C LEU A 405 -1.09 -18.39 -16.61
N HIS A 406 -2.11 -19.20 -16.30
CA HIS A 406 -2.04 -20.67 -16.33
C HIS A 406 -3.46 -21.22 -16.34
N VAL A 407 -3.60 -22.54 -16.47
CA VAL A 407 -4.94 -23.10 -16.74
C VAL A 407 -5.98 -22.87 -15.62
N GLY A 408 -5.48 -22.61 -14.39
CA GLY A 408 -6.35 -22.28 -13.23
C GLY A 408 -7.01 -20.94 -13.47
N TRP A 409 -6.29 -20.03 -14.11
CA TRP A 409 -6.94 -18.81 -14.59
C TRP A 409 -7.97 -19.06 -15.70
N ALA A 410 -7.67 -20.00 -16.59
CA ALA A 410 -8.51 -20.23 -17.75
C ALA A 410 -9.90 -20.73 -17.37
N THR A 411 -9.98 -21.57 -16.36
CA THR A 411 -11.28 -22.04 -15.90
C THR A 411 -12.18 -20.93 -15.41
N PHE A 412 -11.62 -19.98 -14.68
CA PHE A 412 -12.43 -18.90 -14.19
C PHE A 412 -12.78 -17.95 -15.29
N LEU A 413 -11.88 -17.76 -16.25
CA LEU A 413 -12.16 -16.85 -17.36
C LEU A 413 -13.34 -17.40 -18.14
N VAL A 414 -13.32 -18.69 -18.43
CA VAL A 414 -14.46 -19.25 -19.21
C VAL A 414 -15.79 -19.13 -18.45
N GLN A 415 -15.76 -19.40 -17.16
CA GLN A 415 -16.93 -19.25 -16.31
C GLN A 415 -17.44 -17.81 -16.31
N SER A 416 -16.54 -16.84 -16.18
CA SER A 416 -16.94 -15.46 -16.12
C SER A 416 -17.54 -14.97 -17.48
N LEU A 417 -16.87 -15.26 -18.60
CA LEU A 417 -17.41 -14.99 -19.91
C LEU A 417 -18.81 -15.56 -20.07
N GLY A 418 -18.98 -16.82 -19.62
CA GLY A 418 -20.24 -17.54 -19.72
C GLY A 418 -21.38 -16.88 -18.98
N ARG A 419 -21.08 -16.06 -17.98
CA ARG A 419 -22.11 -15.29 -17.25
C ARG A 419 -22.85 -14.25 -18.09
N PHE A 420 -22.23 -13.83 -19.20
CA PHE A 420 -22.81 -12.86 -20.13
C PHE A 420 -23.40 -13.58 -21.32
N GLU A 421 -24.68 -13.39 -21.56
CA GLU A 421 -25.28 -13.92 -22.79
C GLU A 421 -24.57 -13.46 -24.08
N GLY A 422 -24.58 -14.31 -25.12
CA GLY A 422 -24.10 -13.97 -26.47
C GLY A 422 -24.55 -12.62 -26.98
N GLN A 423 -25.81 -12.27 -26.72
CA GLN A 423 -26.43 -11.10 -27.31
C GLN A 423 -25.80 -9.88 -26.59
N VAL A 424 -25.27 -10.10 -25.39
CA VAL A 424 -24.59 -9.00 -24.70
C VAL A 424 -23.14 -8.90 -25.14
N ARG A 425 -22.48 -10.06 -25.20
CA ARG A 425 -21.09 -10.09 -25.57
C ARG A 425 -20.79 -9.56 -26.99
N GLN A 426 -21.72 -9.83 -27.93
CA GLN A 426 -21.60 -9.45 -29.31
C GLN A 426 -21.68 -7.94 -29.51
N LYS A 427 -22.20 -7.20 -28.56
CA LYS A 427 -22.25 -5.75 -28.65
C LYS A 427 -20.93 -5.05 -28.36
N VAL A 428 -19.93 -5.76 -27.81
CA VAL A 428 -18.65 -5.03 -27.62
C VAL A 428 -17.89 -5.01 -28.92
N ARG A 429 -17.39 -3.84 -29.28
CA ARG A 429 -16.65 -3.68 -30.53
C ARG A 429 -15.16 -3.66 -30.21
N ILE A 430 -14.45 -4.61 -30.77
CA ILE A 430 -13.05 -4.75 -30.45
C ILE A 430 -12.36 -4.19 -31.65
N VAL A 431 -11.71 -3.04 -31.46
CA VAL A 431 -11.06 -2.40 -32.58
C VAL A 431 -9.55 -2.57 -32.48
N SER A 432 -8.93 -2.66 -33.64
CA SER A 432 -7.51 -2.74 -33.80
C SER A 432 -6.83 -1.40 -33.76
N PRO A 445 -20.10 0.33 -26.56
CA PRO A 445 -18.78 0.07 -25.96
C PRO A 445 -17.77 -0.33 -27.01
N VAL A 446 -16.54 0.19 -26.85
CA VAL A 446 -15.49 -0.02 -27.80
C VAL A 446 -14.23 -0.35 -27.01
N LEU A 447 -13.43 -1.27 -27.50
CA LEU A 447 -12.32 -1.69 -26.71
C LEU A 447 -11.16 -1.99 -27.66
N THR A 448 -9.95 -1.58 -27.26
CA THR A 448 -8.74 -1.97 -27.98
C THR A 448 -7.90 -2.85 -27.10
N PHE A 449 -7.46 -3.96 -27.64
CA PHE A 449 -6.64 -4.85 -26.90
C PHE A 449 -5.17 -4.52 -27.16
N GLN A 450 -4.39 -4.53 -26.11
CA GLN A 450 -2.95 -4.33 -26.20
C GLN A 450 -2.22 -5.66 -26.21
N SER A 451 -2.81 -6.71 -25.63
CA SER A 451 -2.09 -7.97 -25.49
C SER A 451 -2.33 -8.86 -26.72
N GLU A 452 -1.30 -9.62 -27.14
CA GLU A 452 -1.51 -10.60 -28.22
C GLU A 452 -2.46 -11.73 -27.84
N LYS A 453 -2.46 -12.15 -26.60
CA LYS A 453 -3.43 -13.22 -26.19
C LYS A 453 -4.87 -12.80 -26.43
N MET A 454 -5.23 -11.61 -25.98
CA MET A 454 -6.63 -11.20 -26.11
C MET A 454 -6.98 -10.88 -27.57
N LYS A 455 -6.05 -10.31 -28.35
CA LYS A 455 -6.32 -10.13 -29.78
C LYS A 455 -6.69 -11.45 -30.51
N GLY A 456 -5.98 -12.50 -30.19
CA GLY A 456 -6.25 -13.79 -30.86
C GLY A 456 -7.51 -14.47 -30.29
N MET A 457 -8.05 -13.94 -29.21
CA MET A 457 -9.23 -14.52 -28.56
CA MET A 457 -9.23 -14.50 -28.54
C MET A 457 -10.50 -13.84 -29.03
N LYS A 458 -10.36 -12.76 -29.79
CA LYS A 458 -11.50 -11.88 -30.07
C LYS A 458 -12.71 -12.60 -30.65
N GLU A 459 -12.51 -13.41 -31.66
CA GLU A 459 -13.66 -14.15 -32.22
C GLU A 459 -14.26 -15.20 -31.32
N LEU A 460 -13.44 -15.80 -30.47
CA LEU A 460 -13.98 -16.73 -29.50
C LEU A 460 -14.89 -16.05 -28.45
N LEU A 461 -14.68 -14.78 -28.21
CA LEU A 461 -15.31 -14.08 -27.04
C LEU A 461 -16.72 -13.69 -27.27
N VAL A 462 -17.05 -13.52 -28.52
CA VAL A 462 -18.34 -12.97 -28.92
C VAL A 462 -19.17 -14.02 -29.65
N ALA A 463 -18.89 -15.29 -29.37
CA ALA A 463 -19.64 -16.41 -29.91
C ALA A 463 -20.73 -16.94 -28.97
N THR A 464 -21.82 -17.42 -29.58
CA THR A 464 -22.99 -17.89 -28.81
C THR A 464 -22.68 -18.94 -27.79
N LYS A 465 -21.93 -19.93 -28.22
CA LYS A 465 -21.46 -21.00 -27.35
C LYS A 465 -20.01 -20.64 -27.14
N ILE A 466 -19.61 -20.49 -25.89
CA ILE A 466 -18.23 -20.21 -25.57
C ILE A 466 -17.43 -21.49 -25.79
N ASN A 467 -16.45 -21.46 -26.69
CA ASN A 467 -15.56 -22.62 -26.84
C ASN A 467 -14.50 -22.65 -25.77
N SER A 468 -14.85 -23.32 -24.72
CA SER A 468 -14.03 -23.48 -23.55
C SER A 468 -12.59 -23.98 -23.78
N SER A 469 -12.40 -25.08 -24.50
CA SER A 469 -11.06 -25.59 -24.79
CA SER A 469 -11.04 -25.57 -24.74
C SER A 469 -10.21 -24.59 -25.60
N ALA A 470 -10.82 -23.92 -26.55
CA ALA A 470 -10.07 -23.00 -27.46
C ALA A 470 -9.65 -21.81 -26.62
N ILE A 471 -10.56 -21.33 -25.79
CA ILE A 471 -10.20 -20.23 -24.84
C ILE A 471 -9.06 -20.58 -23.95
N LYS A 472 -9.09 -21.76 -23.33
CA LYS A 472 -7.99 -22.20 -22.51
C LYS A 472 -6.70 -22.25 -23.26
N LEU A 473 -6.68 -22.78 -24.48
CA LEU A 473 -5.42 -22.82 -25.24
C LEU A 473 -4.86 -21.42 -25.52
N GLN A 474 -5.76 -20.51 -25.85
CA GLN A 474 -5.34 -19.13 -26.17
C GLN A 474 -4.79 -18.41 -24.97
N LEU A 475 -5.37 -18.66 -23.79
CA LEU A 475 -5.01 -17.90 -22.63
C LEU A 475 -3.70 -18.41 -22.11
N THR A 476 -3.48 -19.73 -22.22
CA THR A 476 -2.32 -20.33 -21.58
C THR A 476 -1.16 -20.59 -22.52
N ALA A 477 -1.42 -20.38 -23.79
CA ALA A 477 -0.47 -20.66 -24.87
C ALA A 477 -0.06 -22.14 -24.88
N GLN A 478 -0.93 -22.99 -24.31
CA GLN A 478 -0.74 -24.42 -24.29
C GLN A 478 -0.83 -24.83 -25.74
N SER A 479 0.18 -25.59 -26.17
CA SER A 479 0.42 -25.81 -27.62
C SER A 479 -0.51 -26.89 -28.13
N GLN A 480 -0.72 -27.91 -27.31
CA GLN A 480 -1.33 -29.13 -27.78
C GLN A 480 -2.42 -29.67 -26.84
N VAL A 481 -3.29 -30.53 -27.38
CA VAL A 481 -4.36 -31.20 -26.61
C VAL A 481 -4.04 -32.70 -26.52
N GLN A 482 -4.51 -33.35 -25.47
CA GLN A 482 -4.02 -34.71 -25.14
C GLN A 482 -4.53 -35.76 -26.13
N MET A 483 -3.71 -36.76 -26.45
CA MET A 483 -4.09 -37.85 -27.36
C MET A 483 -5.03 -38.81 -26.67
#